data_5HRX
#
_entry.id   5HRX
#
_cell.length_a   41.181
_cell.length_b   58.420
_cell.length_c   105.841
_cell.angle_alpha   90.00
_cell.angle_beta   90.00
_cell.angle_gamma   90.00
#
_symmetry.space_group_name_H-M   'P 21 21 21'
#
loop_
_entity.id
_entity.type
_entity.pdbx_description
1 polymer 'Protein polybromo-1'
2 non-polymer 1,2-ETHANEDIOL
3 non-polymer 1-butylisochromeno[3,4-c]pyrazol-5(3H)-one
4 water water
#
_entity_poly.entity_id   1
_entity_poly.type   'polypeptide(L)'
_entity_poly.pdbx_seq_one_letter_code
;SMSGISPKKSKYMTPMQQKLNEVYEAVKNYTDKRGRRLSAIFLRLPSRSELPDYYLTIKKPMDMEKIRSHMMANKYQDID
SMVEDFVMMFNNACTYNEPESLIYKDALVLHKVLLETRRDLEGD
;
_entity_poly.pdbx_strand_id   A,B
#
loop_
_chem_comp.id
_chem_comp.type
_chem_comp.name
_chem_comp.formula
64F non-polymer 1-butylisochromeno[3,4-c]pyrazol-5(3H)-one 'C14 H14 N2 O2'
EDO non-polymer 1,2-ETHANEDIOL 'C2 H6 O2'
#
# COMPACT_ATOMS: atom_id res chain seq x y z
N TYR A 12 10.88 23.13 -5.32
CA TYR A 12 12.24 22.58 -5.49
C TYR A 12 12.97 23.02 -6.81
N MET A 13 12.38 22.92 -8.03
CA MET A 13 13.08 23.39 -9.27
C MET A 13 12.33 23.91 -10.54
N THR A 14 12.58 23.39 -11.74
CA THR A 14 12.01 24.00 -12.96
C THR A 14 10.49 23.83 -13.05
N PRO A 15 9.79 24.76 -13.78
CA PRO A 15 8.34 24.70 -13.92
C PRO A 15 7.84 23.31 -14.32
N MET A 16 8.42 22.71 -15.35
CA MET A 16 7.88 21.42 -15.83
C MET A 16 8.24 20.28 -14.90
N GLN A 17 9.41 20.32 -14.27
CA GLN A 17 9.73 19.34 -13.27
C GLN A 17 8.74 19.45 -12.13
N GLN A 18 8.38 20.70 -11.78
CA GLN A 18 7.43 20.92 -10.70
C GLN A 18 6.05 20.35 -11.03
N LYS A 19 5.61 20.59 -12.28
CA LYS A 19 4.33 20.07 -12.74
C LYS A 19 4.34 18.53 -12.67
N LEU A 20 5.44 17.93 -13.09
CA LEU A 20 5.54 16.46 -13.04
C LEU A 20 5.39 15.98 -11.64
N ASN A 21 6.11 16.63 -10.73
CA ASN A 21 6.06 16.25 -9.32
C ASN A 21 4.71 16.41 -8.71
N GLU A 22 4.03 17.53 -9.02
CA GLU A 22 2.68 17.74 -8.56
C GLU A 22 1.65 16.64 -8.99
N VAL A 23 1.77 16.16 -10.21
CA VAL A 23 0.92 15.11 -10.76
C VAL A 23 1.18 13.82 -10.01
N TYR A 24 2.44 13.46 -9.94
CA TYR A 24 2.86 12.25 -9.15
C TYR A 24 2.38 12.31 -7.70
N GLU A 25 2.67 13.40 -6.99
CA GLU A 25 2.28 13.53 -5.59
C GLU A 25 0.79 13.53 -5.35
N ALA A 26 0.03 14.16 -6.26
CA ALA A 26 -1.40 14.16 -6.09
C ALA A 26 -1.98 12.74 -6.03
N VAL A 27 -1.48 11.89 -6.91
CA VAL A 27 -1.95 10.49 -6.99
C VAL A 27 -1.37 9.71 -5.82
N LYS A 28 -0.10 9.89 -5.54
CA LYS A 28 0.53 9.24 -4.34
C LYS A 28 -0.16 9.56 -3.05
N ASN A 29 -0.47 10.86 -2.79
CA ASN A 29 -0.92 11.28 -1.49
C ASN A 29 -2.38 11.22 -1.24
N TYR A 30 -3.19 11.05 -2.30
CA TYR A 30 -4.61 10.98 -2.14
C TYR A 30 -5.05 10.03 -1.05
N THR A 31 -5.89 10.57 -0.13
CA THR A 31 -6.53 9.77 0.90
C THR A 31 -8.04 9.92 0.86
N ASP A 32 -8.76 8.85 1.13
CA ASP A 32 -10.22 8.87 1.17
C ASP A 32 -10.69 9.35 2.58
N LYS A 33 -12.02 9.48 2.75
CA LYS A 33 -12.59 9.90 4.06
C LYS A 33 -12.24 9.05 5.29
N ARG A 34 -11.84 7.81 5.10
CA ARG A 34 -11.39 6.98 6.20
C ARG A 34 -9.90 7.05 6.48
N GLY A 35 -9.16 7.90 5.75
CA GLY A 35 -7.70 7.98 5.86
C GLY A 35 -6.93 6.86 5.12
N ARG A 36 -7.60 6.16 4.20
CA ARG A 36 -6.91 5.18 3.40
C ARG A 36 -6.19 5.79 2.21
N ARG A 37 -4.92 5.42 2.05
CA ARG A 37 -4.13 5.97 0.95
C ARG A 37 -4.29 5.00 -0.21
N LEU A 38 -5.06 5.40 -1.24
CA LEU A 38 -5.41 4.49 -2.32
C LEU A 38 -4.24 4.00 -3.16
N SER A 39 -3.17 4.79 -3.21
CA SER A 39 -2.01 4.45 -4.02
C SER A 39 -1.16 3.34 -3.44
N ALA A 40 -1.41 2.97 -2.20
CA ALA A 40 -0.49 2.02 -1.48
C ALA A 40 -0.12 0.79 -2.30
N ILE A 41 -1.14 0.11 -2.78
CA ILE A 41 -0.88 -1.21 -3.51
C ILE A 41 -0.29 -0.97 -4.89
N PHE A 42 -0.38 0.25 -5.41
CA PHE A 42 0.11 0.57 -6.75
C PHE A 42 1.59 0.95 -6.83
N LEU A 43 2.27 1.14 -5.71
CA LEU A 43 3.65 1.57 -5.71
C LEU A 43 4.58 0.61 -6.45
N ARG A 44 4.46 -0.66 -6.15
CA ARG A 44 5.32 -1.68 -6.70
C ARG A 44 4.56 -3.01 -7.01
N LEU A 45 4.56 -3.37 -8.28
CA LEU A 45 4.05 -4.67 -8.72
C LEU A 45 4.78 -5.83 -8.03
N PRO A 46 4.01 -6.85 -7.59
CA PRO A 46 4.63 -8.12 -7.18
C PRO A 46 5.36 -8.81 -8.34
N SER A 47 6.13 -9.84 -7.97
CA SER A 47 6.94 -10.54 -9.00
C SER A 47 6.05 -11.41 -9.90
N ARG A 48 6.65 -12.01 -10.95
CA ARG A 48 5.91 -12.90 -11.80
C ARG A 48 5.40 -14.15 -11.11
N SER A 49 6.15 -14.65 -10.10
CA SER A 49 5.65 -15.78 -9.33
C SER A 49 4.62 -15.42 -8.33
N GLU A 50 4.62 -14.15 -7.91
CA GLU A 50 3.64 -13.65 -6.93
C GLU A 50 2.27 -13.29 -7.50
N LEU A 51 2.24 -12.80 -8.73
CA LEU A 51 1.00 -12.34 -9.35
C LEU A 51 1.02 -12.75 -10.78
N PRO A 52 1.14 -14.09 -11.04
CA PRO A 52 1.37 -14.49 -12.41
C PRO A 52 0.21 -14.14 -13.38
N ASP A 53 -1.02 -14.07 -12.88
CA ASP A 53 -2.20 -13.89 -13.75
C ASP A 53 -2.19 -12.45 -14.31
N TYR A 54 -1.65 -11.50 -13.53
CA TYR A 54 -1.48 -10.12 -14.06
C TYR A 54 -0.56 -10.13 -15.28
N TYR A 55 0.60 -10.83 -15.19
CA TYR A 55 1.56 -10.79 -16.26
C TYR A 55 1.10 -11.62 -17.49
N LEU A 56 0.16 -12.57 -17.28
CA LEU A 56 -0.53 -13.28 -18.39
C LEU A 56 -1.52 -12.41 -19.12
N THR A 57 -2.01 -11.36 -18.46
CA THR A 57 -3.15 -10.59 -18.91
C THR A 57 -2.70 -9.24 -19.47
N ILE A 58 -1.57 -8.71 -19.01
CA ILE A 58 -1.21 -7.30 -19.26
C ILE A 58 0.08 -7.27 -20.11
N LYS A 59 -0.02 -6.64 -21.29
CA LYS A 59 1.06 -6.47 -22.27
C LYS A 59 2.17 -5.56 -21.77
N LYS A 60 1.81 -4.46 -21.08
CA LYS A 60 2.78 -3.46 -20.63
C LYS A 60 2.63 -3.20 -19.13
N PRO A 61 3.40 -3.91 -18.33
CA PRO A 61 3.35 -3.75 -16.88
C PRO A 61 3.75 -2.30 -16.47
N MET A 62 3.04 -1.78 -15.49
CA MET A 62 3.32 -0.46 -15.02
C MET A 62 3.01 -0.34 -13.49
N ASP A 63 3.87 0.32 -12.76
CA ASP A 63 3.66 0.68 -11.34
C ASP A 63 4.19 2.07 -11.04
N MET A 64 3.85 2.62 -9.87
CA MET A 64 4.24 4.00 -9.55
C MET A 64 5.74 4.15 -9.38
N GLU A 65 6.44 3.12 -8.86
CA GLU A 65 7.92 3.18 -8.76
C GLU A 65 8.58 3.36 -10.14
N LYS A 66 8.04 2.75 -11.19
CA LYS A 66 8.49 2.90 -12.57
C LYS A 66 8.39 4.36 -13.08
N ILE A 67 7.21 4.89 -12.82
CA ILE A 67 6.91 6.32 -13.18
C ILE A 67 7.82 7.22 -12.36
N ARG A 68 7.89 7.01 -11.07
CA ARG A 68 8.75 7.77 -10.17
C ARG A 68 10.23 7.77 -10.64
N SER A 69 10.74 6.61 -11.01
CA SER A 69 12.15 6.54 -11.51
C SER A 69 12.41 7.34 -12.75
N HIS A 70 11.51 7.18 -13.70
CA HIS A 70 11.55 7.89 -14.96
C HIS A 70 11.52 9.42 -14.72
N MET A 71 10.64 9.84 -13.80
CA MET A 71 10.54 11.25 -13.35
C MET A 71 11.82 11.75 -12.64
N MET A 72 12.29 11.00 -11.66
CA MET A 72 13.52 11.35 -10.96
C MET A 72 14.78 11.37 -11.89
N ALA A 73 14.74 10.68 -13.03
CA ALA A 73 15.82 10.74 -14.00
C ALA A 73 15.61 11.72 -15.14
N ASN A 74 14.62 12.60 -15.00
CA ASN A 74 14.37 13.62 -16.01
C ASN A 74 14.06 13.15 -17.40
N LYS A 75 13.45 11.98 -17.48
CA LYS A 75 13.16 11.38 -18.78
C LYS A 75 11.81 11.74 -19.36
N TYR A 76 10.86 12.31 -18.58
CA TYR A 76 9.61 12.81 -19.16
C TYR A 76 9.88 14.19 -19.82
N GLN A 77 9.52 14.32 -21.08
CA GLN A 77 9.71 15.55 -21.87
C GLN A 77 8.45 16.38 -21.90
N ASP A 78 7.30 15.82 -21.50
CA ASP A 78 6.14 16.63 -21.21
C ASP A 78 5.27 15.98 -20.14
N ILE A 79 4.34 16.74 -19.60
CA ILE A 79 3.40 16.25 -18.60
C ILE A 79 2.47 15.12 -19.12
N ASP A 80 2.05 15.20 -20.37
CA ASP A 80 1.07 14.25 -20.86
C ASP A 80 1.64 12.85 -21.07
N SER A 81 2.95 12.74 -21.24
CA SER A 81 3.58 11.43 -21.21
C SER A 81 3.43 10.73 -19.84
N MET A 82 3.63 11.51 -18.76
CA MET A 82 3.43 11.00 -17.41
C MET A 82 1.97 10.63 -17.18
N VAL A 83 1.05 11.50 -17.58
CA VAL A 83 -0.36 11.18 -17.48
C VAL A 83 -0.71 9.91 -18.22
N GLU A 84 -0.14 9.71 -19.40
CA GLU A 84 -0.39 8.51 -20.18
C GLU A 84 0.09 7.22 -19.47
N ASP A 85 1.22 7.28 -18.81
CA ASP A 85 1.71 6.14 -18.02
C ASP A 85 0.82 5.85 -16.81
N PHE A 86 0.32 6.87 -16.11
CA PHE A 86 -0.68 6.56 -15.08
C PHE A 86 -1.96 5.95 -15.67
N VAL A 87 -2.48 6.51 -16.77
CA VAL A 87 -3.69 6.00 -17.37
C VAL A 87 -3.47 4.51 -17.78
N MET A 88 -2.29 4.19 -18.27
CA MET A 88 -2.01 2.82 -18.65
C MET A 88 -2.03 1.95 -17.39
N MET A 89 -1.40 2.43 -16.35
CA MET A 89 -1.50 1.72 -15.05
C MET A 89 -2.93 1.42 -14.60
N PHE A 90 -3.79 2.42 -14.58
CA PHE A 90 -5.16 2.23 -14.12
C PHE A 90 -5.99 1.38 -15.10
N ASN A 91 -5.77 1.53 -16.39
CA ASN A 91 -6.41 0.67 -17.44
C ASN A 91 -5.97 -0.77 -17.21
N ASN A 92 -4.67 -0.97 -16.94
CA ASN A 92 -4.15 -2.33 -16.64
C ASN A 92 -4.91 -2.89 -15.44
N ALA A 93 -4.98 -2.14 -14.35
CA ALA A 93 -5.67 -2.64 -13.10
C ALA A 93 -7.13 -3.07 -13.43
N CYS A 94 -7.84 -2.19 -14.21
CA CYS A 94 -9.23 -2.46 -14.55
C CYS A 94 -9.41 -3.49 -15.70
N THR A 95 -8.33 -3.96 -16.31
CA THR A 95 -8.39 -5.08 -17.26
C THR A 95 -8.13 -6.39 -16.54
N TYR A 96 -7.11 -6.38 -15.68
CA TYR A 96 -6.77 -7.60 -14.89
C TYR A 96 -7.84 -7.94 -13.85
N ASN A 97 -8.27 -6.97 -13.04
CA ASN A 97 -9.22 -7.18 -12.00
C ASN A 97 -10.66 -7.05 -12.48
N GLU A 98 -11.55 -7.71 -11.77
CA GLU A 98 -13.00 -7.63 -12.05
C GLU A 98 -13.55 -6.33 -11.44
N PRO A 99 -14.64 -5.81 -12.04
CA PRO A 99 -15.27 -4.56 -11.46
C PRO A 99 -15.69 -4.62 -10.01
N GLU A 100 -15.97 -5.84 -9.47
CA GLU A 100 -16.40 -5.93 -8.09
C GLU A 100 -15.22 -5.85 -7.09
N SER A 101 -14.00 -5.95 -7.59
CA SER A 101 -12.82 -5.84 -6.73
C SER A 101 -12.54 -4.43 -6.23
N LEU A 102 -11.99 -4.36 -5.04
CA LEU A 102 -11.60 -3.10 -4.48
C LEU A 102 -10.49 -2.40 -5.26
N ILE A 103 -9.49 -3.12 -5.77
CA ILE A 103 -8.39 -2.51 -6.48
C ILE A 103 -8.93 -1.83 -7.76
N TYR A 104 -9.95 -2.43 -8.38
CA TYR A 104 -10.60 -1.89 -9.57
C TYR A 104 -11.19 -0.51 -9.23
N LYS A 105 -11.94 -0.46 -8.13
CA LYS A 105 -12.65 0.81 -7.69
C LYS A 105 -11.61 1.86 -7.33
N ASP A 106 -10.54 1.46 -6.65
CA ASP A 106 -9.45 2.36 -6.28
C ASP A 106 -8.78 2.97 -7.51
N ALA A 107 -8.60 2.13 -8.56
CA ALA A 107 -8.00 2.59 -9.83
C ALA A 107 -8.90 3.66 -10.46
N LEU A 108 -10.20 3.44 -10.43
CA LEU A 108 -11.16 4.44 -10.99
C LEU A 108 -11.07 5.75 -10.27
N VAL A 109 -11.06 5.70 -8.94
CA VAL A 109 -10.91 6.93 -8.13
C VAL A 109 -9.63 7.66 -8.43
N LEU A 110 -8.49 6.94 -8.45
CA LEU A 110 -7.22 7.61 -8.67
C LEU A 110 -7.07 8.16 -10.10
N HIS A 111 -7.80 7.57 -11.05
CA HIS A 111 -7.78 8.02 -12.46
C HIS A 111 -8.54 9.39 -12.48
N LYS A 112 -9.60 9.51 -11.68
CA LYS A 112 -10.32 10.80 -11.55
C LYS A 112 -9.39 11.86 -10.91
N VAL A 113 -8.67 11.48 -9.88
CA VAL A 113 -7.68 12.31 -9.17
C VAL A 113 -6.61 12.80 -10.10
N LEU A 114 -6.09 11.91 -10.95
CA LEU A 114 -5.10 12.26 -11.94
C LEU A 114 -5.60 13.32 -12.88
N LEU A 115 -6.78 13.08 -13.41
CA LEU A 115 -7.35 14.05 -14.42
C LEU A 115 -7.69 15.36 -13.85
N GLU A 116 -8.20 15.35 -12.62
CA GLU A 116 -8.53 16.65 -11.97
C GLU A 116 -7.27 17.49 -11.81
N THR A 117 -6.19 16.83 -11.43
CA THR A 117 -4.91 17.47 -11.31
C THR A 117 -4.36 18.01 -12.60
N ARG A 118 -4.39 17.19 -13.65
CA ARG A 118 -3.98 17.63 -14.94
C ARG A 118 -4.81 18.83 -15.47
N ARG A 119 -6.10 18.80 -15.19
CA ARG A 119 -7.06 19.84 -15.69
C ARG A 119 -6.61 21.20 -15.21
N ASP A 120 -6.07 21.26 -14.02
CA ASP A 120 -5.55 22.52 -13.45
C ASP A 120 -4.17 22.97 -13.89
N LEU A 121 -3.34 22.01 -14.23
CA LEU A 121 -2.00 22.17 -14.80
C LEU A 121 -0.90 21.96 -13.77
N MET B 13 10.69 10.83 24.88
CA MET B 13 10.14 9.45 24.81
C MET B 13 10.78 8.61 25.90
N THR B 14 10.00 7.64 26.36
CA THR B 14 10.49 6.66 27.28
C THR B 14 11.17 5.58 26.47
N PRO B 15 12.09 4.84 27.13
CA PRO B 15 12.68 3.64 26.58
C PRO B 15 11.68 2.72 25.93
N MET B 16 10.57 2.47 26.62
CA MET B 16 9.54 1.60 26.11
C MET B 16 8.95 2.08 24.79
N GLN B 17 8.64 3.37 24.68
CA GLN B 17 8.09 3.85 23.42
C GLN B 17 9.08 3.81 22.29
N GLN B 18 10.33 4.03 22.62
CA GLN B 18 11.36 3.95 21.60
C GLN B 18 11.39 2.56 21.08
N LYS B 19 11.29 1.57 21.95
CA LYS B 19 11.26 0.20 21.53
C LYS B 19 9.96 -0.15 20.78
N LEU B 20 8.82 0.40 21.22
CA LEU B 20 7.55 0.18 20.48
C LEU B 20 7.72 0.67 19.04
N ASN B 21 8.18 1.92 18.93
CA ASN B 21 8.42 2.58 17.61
C ASN B 21 9.40 1.79 16.68
N GLU B 22 10.45 1.23 17.26
CA GLU B 22 11.38 0.35 16.52
C GLU B 22 10.65 -0.88 15.94
N VAL B 23 9.78 -1.50 16.73
CA VAL B 23 9.02 -2.67 16.24
C VAL B 23 8.05 -2.24 15.10
N TYR B 24 7.33 -1.14 15.28
CA TYR B 24 6.38 -0.64 14.34
C TYR B 24 7.09 -0.30 13.03
N GLU B 25 8.18 0.45 13.13
CA GLU B 25 8.95 0.84 11.92
C GLU B 25 9.60 -0.34 11.20
N ALA B 26 10.05 -1.36 11.93
CA ALA B 26 10.60 -2.57 11.30
C ALA B 26 9.57 -3.26 10.39
N VAL B 27 8.34 -3.35 10.86
CA VAL B 27 7.29 -3.98 10.08
C VAL B 27 6.88 -3.08 8.95
N LYS B 28 6.65 -1.80 9.25
CA LYS B 28 6.22 -0.83 8.26
C LYS B 28 7.21 -0.73 7.09
N ASN B 29 8.48 -0.65 7.42
CA ASN B 29 9.48 -0.33 6.41
C ASN B 29 10.13 -1.48 5.68
N TYR B 30 9.86 -2.71 6.13
CA TYR B 30 10.40 -3.91 5.48
C TYR B 30 10.13 -3.88 3.96
N THR B 31 11.17 -4.09 3.16
CA THR B 31 11.08 -4.16 1.72
C THR B 31 11.68 -5.46 1.24
N ASP B 32 11.01 -6.13 0.32
CA ASP B 32 11.63 -7.31 -0.29
C ASP B 32 12.76 -6.95 -1.29
N LYS B 33 13.36 -7.96 -1.93
CA LYS B 33 14.44 -7.71 -2.87
C LYS B 33 14.09 -6.98 -4.15
N ARG B 34 12.80 -6.84 -4.46
CA ARG B 34 12.34 -6.01 -5.54
C ARG B 34 11.93 -4.59 -5.13
N GLY B 35 12.08 -4.28 -3.86
CA GLY B 35 11.77 -3.02 -3.26
C GLY B 35 10.32 -2.82 -2.96
N ARG B 36 9.56 -3.91 -2.86
CA ARG B 36 8.15 -3.81 -2.55
C ARG B 36 8.00 -3.80 -1.02
N ARG B 37 7.19 -2.87 -0.51
CA ARG B 37 6.95 -2.71 0.92
C ARG B 37 5.76 -3.56 1.22
N LEU B 38 5.98 -4.67 1.91
CA LEU B 38 4.95 -5.66 2.14
C LEU B 38 3.81 -5.09 3.00
N SER B 39 4.08 -4.08 3.80
CA SER B 39 3.11 -3.52 4.75
C SER B 39 2.02 -2.70 4.02
N ALA B 40 2.21 -2.42 2.72
CA ALA B 40 1.32 -1.48 1.99
C ALA B 40 -0.15 -1.76 2.23
N ILE B 41 -0.57 -3.00 1.99
CA ILE B 41 -1.99 -3.43 2.10
C ILE B 41 -2.50 -3.42 3.54
N PHE B 42 -1.63 -3.51 4.52
CA PHE B 42 -1.97 -3.59 5.95
C PHE B 42 -2.14 -2.24 6.65
N LEU B 43 -1.77 -1.15 5.96
CA LEU B 43 -1.78 0.13 6.63
C LEU B 43 -3.18 0.53 7.09
N ARG B 44 -4.17 0.37 6.23
CA ARG B 44 -5.54 0.80 6.60
C ARG B 44 -6.53 -0.16 5.99
N LEU B 45 -7.38 -0.76 6.84
CA LEU B 45 -8.45 -1.62 6.37
C LEU B 45 -9.42 -0.79 5.54
N PRO B 46 -10.00 -1.41 4.50
CA PRO B 46 -11.14 -0.75 3.85
C PRO B 46 -12.37 -0.81 4.74
N SER B 47 -13.40 -0.09 4.34
CA SER B 47 -14.65 -0.02 5.12
C SER B 47 -15.48 -1.28 5.05
N ARG B 48 -16.49 -1.40 5.96
CA ARG B 48 -17.42 -2.58 5.92
C ARG B 48 -18.09 -2.73 4.57
N SER B 49 -18.48 -1.58 4.04
CA SER B 49 -18.97 -1.50 2.66
C SER B 49 -18.05 -2.03 1.51
N GLU B 50 -16.77 -1.70 1.63
CA GLU B 50 -15.76 -2.07 0.68
C GLU B 50 -15.34 -3.52 0.75
N LEU B 51 -15.34 -4.09 1.97
CA LEU B 51 -14.76 -5.43 2.18
C LEU B 51 -15.65 -6.27 3.12
N PRO B 52 -16.94 -6.44 2.73
CA PRO B 52 -17.99 -6.98 3.67
C PRO B 52 -17.71 -8.40 4.23
N ASP B 53 -17.08 -9.26 3.44
CA ASP B 53 -16.79 -10.62 3.83
C ASP B 53 -15.70 -10.67 4.92
N TYR B 54 -14.79 -9.67 4.96
CA TYR B 54 -13.78 -9.57 6.05
C TYR B 54 -14.48 -9.37 7.41
N TYR B 55 -15.35 -8.38 7.51
CA TYR B 55 -16.07 -8.09 8.73
C TYR B 55 -17.00 -9.26 9.14
N LEU B 56 -17.48 -10.04 8.19
CA LEU B 56 -18.35 -11.17 8.52
C LEU B 56 -17.53 -12.34 9.02
N THR B 57 -16.25 -12.39 8.64
CA THR B 57 -15.33 -13.50 8.97
C THR B 57 -14.58 -13.25 10.26
N ILE B 58 -14.22 -11.99 10.51
CA ILE B 58 -13.20 -11.60 11.49
C ILE B 58 -13.75 -10.91 12.73
N LYS B 59 -13.47 -11.48 13.89
CA LYS B 59 -14.03 -10.99 15.14
C LYS B 59 -13.52 -9.60 15.56
N LYS B 60 -12.21 -9.39 15.49
CA LYS B 60 -11.59 -8.13 15.94
C LYS B 60 -10.73 -7.56 14.81
N PRO B 61 -11.29 -6.61 14.05
CA PRO B 61 -10.57 -6.00 12.92
C PRO B 61 -9.31 -5.29 13.40
N MET B 62 -8.22 -5.37 12.62
CA MET B 62 -6.96 -4.74 13.01
C MET B 62 -6.25 -4.22 11.78
N ASP B 63 -5.74 -2.97 11.84
CA ASP B 63 -4.82 -2.48 10.85
C ASP B 63 -3.65 -1.75 11.47
N MET B 64 -2.68 -1.33 10.66
CA MET B 64 -1.46 -0.75 11.27
C MET B 64 -1.75 0.71 11.72
N GLU B 65 -2.72 1.37 11.13
CA GLU B 65 -3.13 2.72 11.62
C GLU B 65 -3.75 2.66 13.04
N LYS B 66 -4.47 1.57 13.39
CA LYS B 66 -4.98 1.41 14.76
C LYS B 66 -3.84 1.20 15.72
N ILE B 67 -2.90 0.37 15.32
CA ILE B 67 -1.69 0.12 16.12
C ILE B 67 -0.89 1.43 16.33
N ARG B 68 -0.71 2.19 15.24
CA ARG B 68 0.05 3.42 15.35
C ARG B 68 -0.63 4.45 16.25
N SER B 69 -1.92 4.60 16.06
CA SER B 69 -2.74 5.52 16.86
C SER B 69 -2.68 5.16 18.36
N HIS B 70 -2.72 3.85 18.65
CA HIS B 70 -2.55 3.36 20.05
C HIS B 70 -1.16 3.68 20.62
N MET B 71 -0.13 3.42 19.81
CA MET B 71 1.25 3.68 20.20
C MET B 71 1.42 5.16 20.50
N MET B 72 0.87 6.02 19.65
CA MET B 72 1.18 7.45 19.79
C MET B 72 0.17 8.22 20.75
N ALA B 73 -0.97 7.60 21.10
CA ALA B 73 -1.80 8.04 22.27
C ALA B 73 -1.30 7.47 23.59
N ASN B 74 -0.13 6.82 23.59
CA ASN B 74 0.48 6.22 24.79
C ASN B 74 -0.38 5.16 25.52
N LYS B 75 -0.99 4.27 24.75
CA LYS B 75 -1.86 3.22 25.28
C LYS B 75 -1.17 1.86 25.50
N TYR B 76 0.02 1.61 24.95
CA TYR B 76 0.65 0.27 25.16
C TYR B 76 1.42 0.16 26.49
N GLN B 77 1.18 -0.93 27.22
CA GLN B 77 1.81 -1.21 28.52
C GLN B 77 3.17 -1.95 28.39
N ASP B 78 3.27 -2.88 27.44
CA ASP B 78 4.55 -3.56 27.12
C ASP B 78 4.69 -3.78 25.62
N ILE B 79 5.85 -4.32 25.23
CA ILE B 79 6.16 -4.56 23.82
C ILE B 79 5.30 -5.71 23.31
N ASP B 80 5.13 -6.74 24.14
CA ASP B 80 4.34 -7.89 23.71
C ASP B 80 2.87 -7.56 23.48
N SER B 81 2.34 -6.50 24.07
CA SER B 81 0.96 -6.10 23.76
C SER B 81 0.83 -5.54 22.36
N MET B 82 1.86 -4.80 21.92
CA MET B 82 1.87 -4.34 20.51
C MET B 82 2.06 -5.53 19.65
N VAL B 83 3.03 -6.38 19.97
CA VAL B 83 3.24 -7.62 19.26
C VAL B 83 1.95 -8.43 19.11
N GLU B 84 1.16 -8.52 20.19
CA GLU B 84 -0.12 -9.26 20.13
C GLU B 84 -1.06 -8.69 19.05
N ASP B 85 -1.10 -7.36 18.94
CA ASP B 85 -1.95 -6.69 17.91
C ASP B 85 -1.50 -7.01 16.48
N PHE B 86 -0.19 -7.01 16.26
CA PHE B 86 0.35 -7.35 14.94
C PHE B 86 0.06 -8.81 14.61
N VAL B 87 0.27 -9.70 15.61
CA VAL B 87 -0.03 -11.14 15.39
C VAL B 87 -1.50 -11.40 15.03
N MET B 88 -2.39 -10.71 15.71
CA MET B 88 -3.82 -10.80 15.42
C MET B 88 -4.11 -10.29 14.02
N MET B 89 -3.51 -9.17 13.66
CA MET B 89 -3.70 -8.64 12.30
C MET B 89 -3.27 -9.71 11.24
N PHE B 90 -2.11 -10.39 11.45
CA PHE B 90 -1.59 -11.35 10.51
C PHE B 90 -2.43 -12.64 10.57
N ASN B 91 -2.88 -13.01 11.75
CA ASN B 91 -3.82 -14.14 11.89
C ASN B 91 -5.12 -13.87 11.16
N ASN B 92 -5.66 -12.64 11.32
CA ASN B 92 -6.84 -12.24 10.56
C ASN B 92 -6.62 -12.44 9.06
N ALA B 93 -5.50 -11.90 8.54
CA ALA B 93 -5.19 -11.96 7.12
C ALA B 93 -5.16 -13.42 6.63
N CYS B 94 -4.58 -14.27 7.46
CA CYS B 94 -4.39 -15.69 7.16
C CYS B 94 -5.64 -16.53 7.43
N THR B 95 -6.63 -15.97 8.16
CA THR B 95 -7.97 -16.57 8.32
C THR B 95 -8.88 -16.19 7.13
N TYR B 96 -8.86 -14.92 6.74
CA TYR B 96 -9.73 -14.43 5.67
C TYR B 96 -9.25 -14.86 4.26
N ASN B 97 -7.93 -14.91 4.04
CA ASN B 97 -7.37 -15.25 2.74
C ASN B 97 -6.89 -16.67 2.66
N GLU B 98 -6.72 -17.15 1.42
CA GLU B 98 -6.28 -18.53 1.19
C GLU B 98 -4.77 -18.64 1.39
N PRO B 99 -4.26 -19.84 1.81
CA PRO B 99 -2.80 -20.04 1.94
C PRO B 99 -1.98 -19.72 0.68
N GLU B 100 -2.58 -19.89 -0.50
CA GLU B 100 -1.92 -19.67 -1.79
C GLU B 100 -1.83 -18.18 -2.19
N SER B 101 -2.59 -17.33 -1.51
CA SER B 101 -2.74 -15.95 -1.87
C SER B 101 -1.52 -15.13 -1.46
N LEU B 102 -1.31 -14.05 -2.20
CA LEU B 102 -0.17 -13.15 -1.93
C LEU B 102 -0.31 -12.51 -0.58
N ILE B 103 -1.52 -12.07 -0.23
CA ILE B 103 -1.73 -11.42 1.02
C ILE B 103 -1.37 -12.33 2.21
N TYR B 104 -1.72 -13.61 2.10
CA TYR B 104 -1.40 -14.60 3.15
C TYR B 104 0.13 -14.73 3.25
N LYS B 105 0.77 -14.85 2.10
CA LYS B 105 2.22 -15.00 2.04
C LYS B 105 2.95 -13.77 2.62
N ASP B 106 2.48 -12.58 2.24
CA ASP B 106 3.03 -11.35 2.77
C ASP B 106 2.86 -11.25 4.28
N ALA B 107 1.70 -11.67 4.79
CA ALA B 107 1.43 -11.73 6.21
C ALA B 107 2.43 -12.63 6.92
N LEU B 108 2.70 -13.80 6.36
CA LEU B 108 3.70 -14.69 7.02
C LEU B 108 5.08 -14.10 7.14
N VAL B 109 5.55 -13.48 6.05
CA VAL B 109 6.84 -12.79 6.05
C VAL B 109 6.88 -11.69 7.06
N LEU B 110 5.88 -10.80 7.10
CA LEU B 110 5.86 -9.74 8.12
C LEU B 110 5.71 -10.23 9.55
N HIS B 111 5.04 -11.38 9.75
CA HIS B 111 5.00 -12.04 11.10
C HIS B 111 6.42 -12.52 11.56
N LYS B 112 7.19 -13.02 10.63
CA LYS B 112 8.64 -13.35 10.88
C LYS B 112 9.47 -12.12 11.16
N VAL B 113 9.28 -11.03 10.38
CA VAL B 113 10.00 -9.78 10.68
C VAL B 113 9.68 -9.23 12.07
N LEU B 114 8.40 -9.30 12.40
CA LEU B 114 7.93 -8.84 13.69
C LEU B 114 8.63 -9.56 14.86
N LEU B 115 8.63 -10.88 14.79
CA LEU B 115 9.19 -11.66 15.90
C LEU B 115 10.72 -11.61 15.94
N GLU B 116 11.38 -11.48 14.80
CA GLU B 116 12.84 -11.28 14.83
C GLU B 116 13.17 -9.92 15.47
N THR B 117 12.37 -8.88 15.16
CA THR B 117 12.60 -7.57 15.76
C THR B 117 12.37 -7.64 17.25
N ARG B 118 11.29 -8.26 17.65
CA ARG B 118 10.99 -8.49 19.06
C ARG B 118 12.21 -9.07 19.80
N ARG B 119 12.81 -10.13 19.25
CA ARG B 119 14.07 -10.66 19.85
C ARG B 119 15.10 -9.56 20.16
N ASP B 120 15.38 -8.74 19.16
CA ASP B 120 16.56 -7.90 19.16
C ASP B 120 16.42 -6.68 20.07
C1 EDO C . -2.88 -14.35 -9.20
O1 EDO C . -1.99 -13.72 -10.14
C2 EDO C . -2.25 -15.34 -8.24
O2 EDO C . -2.64 -16.68 -8.56
C1 EDO D . 10.62 -6.32 -13.99
O1 EDO D . 10.43 -6.01 -12.60
C2 EDO D . 10.76 -7.83 -14.14
O2 EDO D . 10.34 -8.22 -15.45
CAG 64F E . -2.00 -4.72 -9.01
CAD 64F E . -1.03 -3.76 -9.18
CAC 64F E . 0.04 -3.49 -8.28
CAB 64F E . 1.00 -2.50 -8.49
CAA 64F E . 0.90 -1.66 -9.60
CAF 64F E . -0.15 -1.88 -10.48
CAE 64F E . -1.12 -2.88 -10.31
CAJ 64F E . -2.15 -3.09 -11.24
OAK 64F E . -2.32 -2.39 -12.26
OAI 64F E . -3.05 -4.01 -11.03
CAH 64F E . -3.01 -4.81 -9.93
NAN 64F E . -3.80 -5.80 -9.63
NAM 64F E . -3.41 -6.33 -8.53
CAL 64F E . -2.32 -5.71 -8.12
CAO 64F E . -1.61 -6.16 -6.86
CAP 64F E . -2.47 -7.24 -6.20
CAQ 64F E . -1.70 -7.81 -5.01
CAR 64F E . -2.61 -8.82 -4.26
CAG 64F F . -6.85 -7.20 4.41
CAD 64F F . -6.32 -6.32 5.34
CAC 64F F . -6.14 -4.94 5.06
CAB 64F F . -5.61 -4.04 6.02
CAA 64F F . -5.23 -4.52 7.29
CAF 64F F . -5.40 -5.87 7.59
CAE 64F F . -5.92 -6.78 6.63
CAJ 64F F . -6.11 -8.15 6.93
OAK 64F F . -5.80 -8.67 7.99
OAI 64F F . -6.63 -8.99 6.00
CAH 64F F . -6.97 -8.51 4.75
NAN 64F F . -7.48 -9.18 3.73
NAM 64F F . -7.67 -8.38 2.79
CAL 64F F . -7.29 -7.16 3.14
CAO 64F F . -7.40 -5.97 2.18
CAP 64F F . -8.01 -6.55 0.88
CAQ 64F F . -8.18 -5.38 -0.08
CAR 64F F . -8.26 -5.97 -1.52
#